data_5J68
#
_entry.id   5J68
#
_cell.length_a   103.900
_cell.length_b   103.900
_cell.length_c   304.290
_cell.angle_alpha   90.00
_cell.angle_beta   90.00
_cell.angle_gamma   90.00
#
_symmetry.space_group_name_H-M   'P 41 21 2'
#
loop_
_entity.id
_entity.type
_entity.pdbx_description
1 polymer Astrotactin-2
2 branched alpha-D-mannopyranose-(1-2)-alpha-D-mannopyranose-(1-3)-[alpha-D-mannopyranose-(1-2)-alpha-D-mannopyranose-(1-6)]alpha-D-mannopyranose-(1-6)-[alpha-D-mannopyranose-(1-2)-alpha-D-mannopyranose-(1-3)]beta-D-mannopyranose-(1-4)-2-acetamido-2-deoxy-beta-D-glucopyranose-(1-4)-2-acetamido-2-deoxy-beta-D-glucopyranose
3 non-polymer 2-acetamido-2-deoxy-beta-D-glucopyranose
4 non-polymer D-MYO-INOSITOL-1,4,5-TRIPHOSPHATE
#
_entity_poly.entity_id   1
_entity_poly.type   'polypeptide(L)'
_entity_poly.pdbx_seq_one_letter_code
;KFNDTLFGEMLHGYNNRTQHVNQGQVFQMTFRENNFIKDFPQLADGLLVIPLPVEEQCRGVLSEPLPDLQLLTGDIRYDE
AMGYPMVQQWRVRSNLYRVKLSTITLAAGFTNVLKILTKESSREELLSFIQHYGSHYIAEALYGSELTCIIHFPSKKVQQ
QLWLQYQKETTELGSKKELKSMPFITYLSGLLTAQMLSDDQLISGVEIRCEEKGRCPSTCHLCRRPGKEQLSPTPVLLEI
NRVVPLYTLIQDNGTKEAFKSALMSSYWCSGKGDVIDDWCRCDLSAFDANGLPNCSPLLQPVLRLSPTVEPSSTVVSLEW
VDVQPAIGTKVSDYILQHKKVDEYTDTDLYTGEFLSFADDLLSGLGTSCVAAGRSHGEVPEVSIYSVIFKCLEPDGLYKF
TLYAVDTRGRHSELSTVTLRTACPLVDDNKAEEIADKIYNLYNGYTSGKEQQMAYNTLMEVSASMLFRVQHHYNSHYEKF
GDFVWRSEDELGPRKAHLILRRLERVSSHCSSLLRSAYIQSRVETVPYLFCRSEEVRPAGMVWYSILKDTKITCEEKMVS
MARNTYGESKGR
;
_entity_poly.pdbx_strand_id   A
#
# COMPACT_ATOMS: atom_id res chain seq x y z
N LYS A 1 -36.57 -18.68 12.57
CA LYS A 1 -36.08 -17.34 12.88
C LYS A 1 -34.62 -17.37 13.30
N PHE A 2 -34.00 -16.19 13.39
CA PHE A 2 -32.59 -16.07 13.71
C PHE A 2 -32.43 -15.85 15.21
N ASN A 3 -31.83 -16.84 15.89
CA ASN A 3 -31.55 -16.72 17.32
C ASN A 3 -30.32 -15.84 17.50
N ASP A 4 -30.51 -14.65 18.06
CA ASP A 4 -29.40 -13.73 18.30
C ASP A 4 -29.32 -13.39 19.78
N THR A 5 -28.10 -13.42 20.32
CA THR A 5 -27.82 -13.05 21.70
C THR A 5 -26.47 -12.37 21.75
N LEU A 6 -26.05 -12.00 22.96
CA LEU A 6 -24.74 -11.39 23.15
C LEU A 6 -23.68 -12.47 23.33
N PHE A 7 -22.54 -12.28 22.66
CA PHE A 7 -21.43 -13.23 22.64
C PHE A 7 -21.84 -14.64 22.23
N GLY A 8 -22.73 -14.83 21.25
CA GLY A 8 -23.15 -13.87 20.25
C GLY A 8 -22.92 -14.51 18.90
N GLU A 9 -21.72 -14.29 18.37
CA GLU A 9 -21.26 -14.98 17.17
C GLU A 9 -20.52 -16.28 17.50
N MET A 10 -20.32 -16.57 18.79
CA MET A 10 -19.56 -17.76 19.19
C MET A 10 -20.32 -19.05 18.91
N LEU A 11 -21.65 -18.99 18.93
CA LEU A 11 -22.48 -20.18 18.84
C LEU A 11 -22.93 -20.50 17.40
N HIS A 12 -22.53 -19.70 16.42
CA HIS A 12 -23.12 -19.79 15.10
C HIS A 12 -22.22 -20.38 14.03
N GLY A 13 -20.92 -20.18 14.12
CA GLY A 13 -20.08 -20.76 13.10
C GLY A 13 -19.48 -19.72 12.17
N TYR A 14 -18.28 -19.99 11.68
CA TYR A 14 -17.45 -19.00 11.02
C TYR A 14 -16.83 -19.58 9.76
N ASN A 15 -16.80 -18.77 8.70
CA ASN A 15 -16.19 -19.15 7.43
C ASN A 15 -14.81 -18.52 7.34
N ASN A 16 -13.81 -19.32 6.95
CA ASN A 16 -12.45 -18.80 6.84
C ASN A 16 -12.26 -17.98 5.57
N ARG A 17 -12.76 -18.46 4.45
CA ARG A 17 -12.52 -17.80 3.17
C ARG A 17 -13.23 -16.45 3.11
N THR A 18 -14.56 -16.45 3.18
CA THR A 18 -15.31 -15.21 3.08
C THR A 18 -15.31 -14.39 4.36
N GLN A 19 -14.79 -14.95 5.47
CA GLN A 19 -14.56 -14.22 6.71
C GLN A 19 -15.85 -13.73 7.36
N HIS A 20 -16.95 -14.44 7.14
CA HIS A 20 -18.26 -14.07 7.67
C HIS A 20 -18.58 -14.85 8.94
N VAL A 21 -19.12 -14.15 9.93
CA VAL A 21 -19.64 -14.79 11.14
C VAL A 21 -21.12 -15.03 10.95
N ASN A 22 -21.76 -15.66 11.95
CA ASN A 22 -23.20 -15.91 11.94
C ASN A 22 -23.61 -16.79 10.75
N GLN A 23 -22.84 -17.85 10.52
CA GLN A 23 -23.08 -18.79 9.42
C GLN A 23 -23.76 -20.02 9.98
N GLY A 24 -25.10 -20.03 9.94
CA GLY A 24 -25.85 -21.10 10.55
C GLY A 24 -25.77 -21.02 12.06
N GLN A 25 -26.20 -22.10 12.71
CA GLN A 25 -26.10 -22.22 14.17
C GLN A 25 -25.49 -23.58 14.50
N VAL A 26 -24.28 -23.57 15.02
CA VAL A 26 -23.53 -24.78 15.32
C VAL A 26 -23.90 -25.33 16.69
N PHE A 27 -23.89 -24.50 17.72
CA PHE A 27 -24.21 -24.91 19.08
C PHE A 27 -25.54 -24.33 19.52
N GLN A 28 -26.20 -25.00 20.46
CA GLN A 28 -27.48 -24.53 20.96
C GLN A 28 -27.28 -23.48 22.04
N MET A 29 -28.16 -22.50 22.07
CA MET A 29 -28.17 -21.49 23.13
C MET A 29 -29.30 -21.78 24.09
N THR A 30 -28.96 -21.96 25.36
CA THR A 30 -29.92 -22.22 26.42
C THR A 30 -29.67 -21.25 27.56
N PHE A 31 -30.57 -21.27 28.55
CA PHE A 31 -30.46 -20.36 29.69
C PHE A 31 -30.84 -21.08 30.97
N ARG A 32 -30.33 -22.31 31.14
CA ARG A 32 -30.54 -23.04 32.39
C ARG A 32 -29.53 -22.61 33.45
N GLU A 33 -28.25 -22.64 33.13
CA GLU A 33 -27.25 -22.02 33.99
C GLU A 33 -27.42 -20.51 33.95
N ASN A 34 -27.08 -19.86 35.05
CA ASN A 34 -27.38 -18.44 35.26
C ASN A 34 -26.10 -17.63 35.19
N ASN A 35 -25.74 -17.19 33.99
CA ASN A 35 -24.54 -16.40 33.75
C ASN A 35 -24.92 -14.95 33.49
N PHE A 36 -24.49 -14.06 34.38
CA PHE A 36 -24.68 -12.62 34.27
C PHE A 36 -23.31 -11.93 34.26
N ILE A 37 -23.33 -10.64 33.94
CA ILE A 37 -22.10 -9.84 33.96
C ILE A 37 -22.33 -8.57 34.77
N LYS A 38 -22.90 -7.55 34.13
CA LYS A 38 -23.15 -6.27 34.80
C LYS A 38 -24.56 -5.79 34.54
N ASP A 39 -24.73 -4.95 33.51
CA ASP A 39 -26.04 -4.50 33.07
C ASP A 39 -26.58 -5.31 31.89
N PHE A 40 -25.77 -6.21 31.34
CA PHE A 40 -26.19 -7.03 30.22
C PHE A 40 -27.17 -8.10 30.69
N PRO A 41 -28.03 -8.59 29.78
CA PRO A 41 -28.98 -9.64 30.16
C PRO A 41 -28.30 -10.97 30.49
N GLN A 42 -29.10 -12.02 30.60
CA GLN A 42 -28.56 -13.35 30.92
C GLN A 42 -27.80 -13.89 29.72
N LEU A 43 -26.58 -14.35 29.96
CA LEU A 43 -25.76 -14.92 28.90
C LEU A 43 -26.23 -16.33 28.56
N ALA A 44 -25.90 -16.77 27.34
CA ALA A 44 -26.13 -18.15 26.96
C ALA A 44 -25.21 -19.08 27.76
N ASP A 45 -25.60 -20.35 27.82
CA ASP A 45 -24.88 -21.30 28.65
C ASP A 45 -23.56 -21.71 28.02
N GLY A 46 -22.57 -21.98 28.88
CA GLY A 46 -21.33 -22.59 28.45
C GLY A 46 -20.29 -21.65 27.87
N LEU A 47 -20.53 -20.35 27.85
CA LEU A 47 -19.56 -19.39 27.34
C LEU A 47 -19.03 -18.54 28.50
N LEU A 48 -17.71 -18.40 28.57
CA LEU A 48 -17.02 -17.80 29.70
C LEU A 48 -16.52 -16.41 29.31
N VAL A 49 -17.09 -15.39 29.94
CA VAL A 49 -16.75 -13.99 29.66
C VAL A 49 -15.83 -13.50 30.77
N ILE A 50 -14.63 -13.08 30.40
CA ILE A 50 -13.62 -12.62 31.34
C ILE A 50 -13.18 -11.20 30.96
N PRO A 51 -13.55 -10.19 31.75
CA PRO A 51 -13.09 -8.82 31.44
C PRO A 51 -11.58 -8.70 31.60
N LEU A 52 -10.96 -8.02 30.63
CA LEU A 52 -9.52 -7.85 30.62
C LEU A 52 -9.09 -6.94 31.77
N PRO A 53 -7.83 -7.05 32.20
CA PRO A 53 -7.37 -6.26 33.35
C PRO A 53 -7.40 -4.76 33.07
N VAL A 54 -7.36 -3.98 34.17
CA VAL A 54 -7.51 -2.54 34.11
C VAL A 54 -6.36 -1.89 33.33
N GLU A 55 -5.24 -2.58 33.19
CA GLU A 55 -4.14 -2.04 32.39
C GLU A 55 -4.52 -1.96 30.92
N GLU A 56 -5.30 -2.92 30.44
CA GLU A 56 -5.69 -2.96 29.04
C GLU A 56 -6.90 -2.10 28.73
N GLN A 57 -7.72 -1.78 29.73
CA GLN A 57 -8.95 -1.03 29.51
C GLN A 57 -8.64 0.46 29.33
N CYS A 58 -9.22 1.06 28.30
CA CYS A 58 -9.06 2.49 28.01
C CYS A 58 -7.58 2.87 27.87
N ARG A 59 -6.88 2.13 27.00
CA ARG A 59 -5.48 2.40 26.68
C ARG A 59 -5.37 2.66 25.18
N GLY A 60 -4.64 3.71 24.82
CA GLY A 60 -4.47 4.10 23.43
C GLY A 60 -3.02 3.95 23.00
N VAL A 61 -2.83 3.55 21.74
CA VAL A 61 -1.50 3.36 21.17
C VAL A 61 -1.41 4.17 19.88
N LEU A 62 -0.32 4.93 19.75
CA LEU A 62 -0.04 5.71 18.54
C LEU A 62 1.05 5.00 17.76
N SER A 63 0.72 4.58 16.55
CA SER A 63 1.68 3.87 15.72
C SER A 63 2.76 4.82 15.21
N GLU A 64 3.83 4.24 14.67
CA GLU A 64 4.85 5.05 14.04
C GLU A 64 4.38 5.50 12.65
N PRO A 65 4.81 6.68 12.21
CA PRO A 65 4.37 7.18 10.90
C PRO A 65 4.97 6.37 9.77
N LEU A 66 4.15 6.12 8.75
CA LEU A 66 4.55 5.38 7.56
C LEU A 66 3.90 6.05 6.35
N PRO A 67 4.47 5.87 5.17
CA PRO A 67 3.82 6.39 3.96
C PRO A 67 2.48 5.70 3.72
N ASP A 68 1.55 6.45 3.12
CA ASP A 68 0.23 5.92 2.78
C ASP A 68 0.40 4.92 1.64
N LEU A 69 0.30 3.63 1.96
CA LEU A 69 0.51 2.59 0.95
C LEU A 69 -0.58 2.64 -0.12
N GLN A 70 -1.79 3.09 0.23
CA GLN A 70 -2.86 3.18 -0.75
C GLN A 70 -2.51 4.17 -1.86
N LEU A 71 -1.73 5.20 -1.54
CA LEU A 71 -1.34 6.22 -2.50
C LEU A 71 -0.03 5.89 -3.20
N LEU A 72 0.35 4.61 -3.26
CA LEU A 72 1.56 4.18 -3.95
C LEU A 72 1.27 3.04 -4.93
N THR A 73 0.02 2.85 -5.33
CA THR A 73 -0.38 1.69 -6.12
C THR A 73 -0.89 2.00 -7.52
N GLY A 74 -1.60 3.11 -7.72
CA GLY A 74 -2.16 3.40 -9.02
C GLY A 74 -1.46 4.51 -9.79
N ASP A 75 -2.19 5.58 -10.10
CA ASP A 75 -1.58 6.78 -10.67
C ASP A 75 -0.93 7.53 -9.52
N ILE A 76 0.39 7.39 -9.41
CA ILE A 76 1.09 7.81 -8.20
C ILE A 76 1.47 9.27 -8.30
N ARG A 77 1.00 10.07 -7.36
CA ARG A 77 1.13 11.50 -7.55
C ARG A 77 1.14 12.24 -6.24
N TYR A 78 2.13 13.11 -6.08
CA TYR A 78 2.49 13.81 -4.86
C TYR A 78 3.45 14.92 -5.22
N ASP A 79 3.45 15.98 -4.40
CA ASP A 79 4.40 17.07 -4.62
C ASP A 79 5.82 16.57 -4.36
N GLU A 80 6.70 16.79 -5.35
CA GLU A 80 8.08 16.35 -5.24
C GLU A 80 8.77 17.00 -4.03
N ALA A 81 8.45 18.25 -3.75
CA ALA A 81 9.03 18.92 -2.60
C ALA A 81 8.51 18.36 -1.29
N MET A 82 7.27 17.88 -1.27
CA MET A 82 6.69 17.32 -0.05
C MET A 82 7.29 15.95 0.27
N GLY A 83 7.23 15.03 -0.69
CA GLY A 83 7.56 13.65 -0.49
C GLY A 83 6.31 12.78 -0.47
N TYR A 84 6.48 11.55 0.02
CA TYR A 84 5.34 10.66 0.16
C TYR A 84 4.34 11.23 1.15
N PRO A 85 3.04 11.11 0.87
CA PRO A 85 2.04 11.39 1.92
C PRO A 85 2.13 10.33 3.02
N MET A 86 2.01 10.80 4.26
CA MET A 86 2.20 9.94 5.42
C MET A 86 0.87 9.68 6.13
N VAL A 87 0.84 8.56 6.85
CA VAL A 87 -0.30 8.20 7.69
C VAL A 87 0.24 7.72 9.03
N GLN A 88 -0.56 7.94 10.09
CA GLN A 88 -0.22 7.50 11.43
C GLN A 88 -1.51 7.09 12.13
N GLN A 89 -1.50 5.90 12.73
CA GLN A 89 -2.70 5.32 13.29
C GLN A 89 -2.80 5.56 14.79
N TRP A 90 -4.01 5.90 15.24
CA TRP A 90 -4.34 6.05 16.65
C TRP A 90 -5.48 5.09 16.96
N ARG A 91 -5.32 4.30 18.03
CA ARG A 91 -6.28 3.25 18.34
C ARG A 91 -6.48 3.17 19.85
N VAL A 92 -7.74 3.16 20.27
CA VAL A 92 -8.12 3.13 21.68
C VAL A 92 -9.15 2.03 21.90
N ARG A 93 -8.88 1.13 22.84
CA ARG A 93 -9.78 0.04 23.20
C ARG A 93 -10.26 0.24 24.63
N SER A 94 -11.55 0.00 24.88
CA SER A 94 -12.19 0.53 26.07
C SER A 94 -13.15 -0.42 26.80
N ASN A 95 -13.82 -1.34 26.11
CA ASN A 95 -14.86 -2.13 26.78
C ASN A 95 -14.56 -3.62 26.65
N LEU A 96 -13.32 -4.01 26.95
CA LEU A 96 -12.80 -5.30 26.50
C LEU A 96 -13.28 -6.47 27.36
N TYR A 97 -13.70 -7.54 26.68
CA TYR A 97 -14.00 -8.83 27.29
C TYR A 97 -13.41 -9.93 26.42
N ARG A 98 -12.75 -10.90 27.06
CA ARG A 98 -12.23 -12.08 26.38
C ARG A 98 -13.25 -13.21 26.53
N VAL A 99 -13.69 -13.76 25.40
CA VAL A 99 -14.82 -14.68 25.37
C VAL A 99 -14.36 -16.02 24.81
N LYS A 100 -14.46 -17.07 25.61
CA LYS A 100 -14.27 -18.44 25.19
C LYS A 100 -15.52 -19.24 25.48
N LEU A 101 -15.70 -20.35 24.76
CA LEU A 101 -16.87 -21.21 24.94
C LEU A 101 -16.41 -22.61 25.32
N SER A 102 -16.94 -23.13 26.43
CA SER A 102 -16.63 -24.45 26.94
C SER A 102 -17.42 -24.71 28.22
N THR A 103 -18.22 -25.77 28.26
CA THR A 103 -18.43 -26.66 27.12
C THR A 103 -19.90 -26.64 26.73
N ILE A 104 -20.20 -26.76 25.44
CA ILE A 104 -21.56 -26.58 24.93
C ILE A 104 -21.93 -27.77 24.04
N THR A 105 -23.15 -28.26 24.21
CA THR A 105 -23.68 -29.30 23.34
C THR A 105 -24.08 -28.72 22.00
N LEU A 106 -24.15 -29.60 21.00
CA LEU A 106 -24.39 -29.17 19.63
C LEU A 106 -25.87 -28.79 19.44
N ALA A 107 -26.12 -28.01 18.39
CA ALA A 107 -27.46 -27.53 18.11
C ALA A 107 -28.34 -28.65 17.55
N ALA A 108 -29.65 -28.43 17.65
CA ALA A 108 -30.60 -29.42 17.16
C ALA A 108 -30.57 -29.50 15.64
N GLY A 109 -30.76 -28.37 14.95
CA GLY A 109 -30.75 -28.37 13.50
C GLY A 109 -29.41 -28.72 12.91
N PHE A 110 -28.33 -28.44 13.63
CA PHE A 110 -27.00 -28.80 13.15
C PHE A 110 -26.82 -30.31 13.12
N THR A 111 -27.24 -30.99 14.18
CA THR A 111 -27.09 -32.44 14.25
C THR A 111 -28.04 -33.16 13.32
N ASN A 112 -29.18 -32.55 13.01
CA ASN A 112 -30.13 -33.16 12.08
C ASN A 112 -29.52 -33.30 10.69
N VAL A 113 -29.00 -32.20 10.15
CA VAL A 113 -28.36 -32.25 8.83
C VAL A 113 -27.04 -32.98 8.91
N LEU A 114 -26.41 -33.01 10.09
CA LEU A 114 -25.17 -33.77 10.25
C LEU A 114 -25.44 -35.26 10.26
N LYS A 115 -26.64 -35.67 10.67
CA LYS A 115 -27.00 -37.09 10.69
C LYS A 115 -27.29 -37.62 9.29
N ILE A 116 -27.92 -36.81 8.44
CA ILE A 116 -28.31 -37.30 7.13
C ILE A 116 -27.15 -37.24 6.14
N LEU A 117 -26.25 -36.28 6.31
CA LEU A 117 -25.12 -36.13 5.39
C LEU A 117 -23.99 -37.09 5.70
N THR A 118 -23.93 -37.66 6.91
CA THR A 118 -22.78 -38.45 7.29
C THR A 118 -22.68 -39.73 6.47
N LYS A 119 -23.81 -40.31 6.09
CA LYS A 119 -23.81 -41.48 5.22
C LYS A 119 -23.71 -41.07 3.75
N GLU A 120 -24.38 -39.99 3.37
CA GLU A 120 -24.47 -39.53 1.99
C GLU A 120 -23.17 -38.84 1.61
N SER A 121 -22.20 -39.62 1.13
CA SER A 121 -20.93 -39.06 0.67
C SER A 121 -21.13 -38.44 -0.70
N SER A 122 -21.28 -37.11 -0.73
CA SER A 122 -21.55 -36.37 -1.96
C SER A 122 -20.81 -35.04 -1.91
N ARG A 123 -20.31 -34.60 -3.07
CA ARG A 123 -19.50 -33.39 -3.13
C ARG A 123 -20.36 -32.14 -3.22
N GLU A 124 -21.28 -32.09 -4.18
CA GLU A 124 -22.19 -30.94 -4.28
C GLU A 124 -22.99 -30.75 -3.01
N GLU A 125 -23.23 -31.83 -2.28
CA GLU A 125 -24.00 -31.74 -1.04
C GLU A 125 -23.15 -31.17 0.08
N LEU A 126 -21.89 -31.60 0.16
CA LEU A 126 -21.03 -31.13 1.24
C LEU A 126 -20.68 -29.67 1.07
N LEU A 127 -20.74 -29.15 -0.15
CA LEU A 127 -20.46 -27.75 -0.38
C LEU A 127 -21.63 -26.89 0.06
N SER A 128 -22.86 -27.33 -0.19
CA SER A 128 -24.03 -26.61 0.28
C SER A 128 -24.08 -26.55 1.80
N PHE A 129 -23.48 -27.54 2.48
CA PHE A 129 -23.36 -27.48 3.92
C PHE A 129 -22.44 -26.35 4.34
N ILE A 130 -21.28 -26.22 3.67
CA ILE A 130 -20.30 -25.22 4.05
C ILE A 130 -20.82 -23.82 3.75
N GLN A 131 -21.58 -23.66 2.66
CA GLN A 131 -22.23 -22.39 2.38
C GLN A 131 -23.10 -21.93 3.55
N HIS A 132 -23.83 -22.86 4.14
CA HIS A 132 -24.79 -22.52 5.18
C HIS A 132 -24.14 -22.44 6.55
N TYR A 133 -23.31 -23.42 6.90
CA TYR A 133 -22.75 -23.51 8.25
C TYR A 133 -21.32 -23.02 8.36
N GLY A 134 -20.68 -22.65 7.25
CA GLY A 134 -19.32 -22.18 7.33
C GLY A 134 -18.31 -23.31 7.42
N SER A 135 -17.10 -22.95 7.85
CA SER A 135 -15.98 -23.89 7.93
C SER A 135 -15.51 -24.17 9.35
N HIS A 136 -15.57 -23.19 10.25
CA HIS A 136 -15.07 -23.33 11.61
C HIS A 136 -16.13 -22.88 12.61
N TYR A 137 -15.81 -23.03 13.89
CA TYR A 137 -16.50 -22.34 14.96
C TYR A 137 -15.47 -21.55 15.77
N ILE A 138 -15.90 -20.40 16.28
CA ILE A 138 -15.00 -19.52 17.01
C ILE A 138 -14.80 -20.07 18.42
N ALA A 139 -13.54 -20.29 18.81
CA ALA A 139 -13.20 -20.81 20.12
C ALA A 139 -12.84 -19.72 21.11
N GLU A 140 -12.06 -18.74 20.70
CA GLU A 140 -11.66 -17.62 21.55
C GLU A 140 -11.81 -16.33 20.76
N ALA A 141 -12.35 -15.30 21.40
CA ALA A 141 -12.60 -14.04 20.71
C ALA A 141 -12.53 -12.88 21.71
N LEU A 142 -12.20 -11.71 21.20
CA LEU A 142 -12.12 -10.48 21.97
C LEU A 142 -13.25 -9.55 21.57
N TYR A 143 -14.01 -9.09 22.55
CA TYR A 143 -15.09 -8.14 22.35
C TYR A 143 -14.74 -6.82 23.04
N GLY A 144 -15.46 -5.78 22.65
CA GLY A 144 -15.27 -4.50 23.29
C GLY A 144 -15.64 -3.37 22.35
N SER A 145 -15.03 -2.21 22.61
CA SER A 145 -15.24 -1.01 21.82
C SER A 145 -13.88 -0.43 21.47
N GLU A 146 -13.56 -0.38 20.19
CA GLU A 146 -12.28 0.16 19.73
C GLU A 146 -12.53 1.30 18.75
N LEU A 147 -11.81 2.40 18.94
CA LEU A 147 -11.83 3.56 18.06
C LEU A 147 -10.51 3.59 17.30
N THR A 148 -10.56 3.43 15.99
CA THR A 148 -9.38 3.44 15.14
C THR A 148 -9.41 4.69 14.28
N CYS A 149 -8.44 5.56 14.49
CA CYS A 149 -8.32 6.80 13.73
C CYS A 149 -7.01 6.81 12.96
N ILE A 150 -7.02 7.52 11.83
CA ILE A 150 -5.86 7.61 10.95
C ILE A 150 -5.62 9.08 10.64
N ILE A 151 -4.45 9.57 11.03
CA ILE A 151 -4.06 10.95 10.73
C ILE A 151 -3.32 10.96 9.40
N HIS A 152 -3.85 11.72 8.44
CA HIS A 152 -3.25 11.83 7.11
C HIS A 152 -2.43 13.12 7.04
N PHE A 153 -1.10 12.96 6.98
CA PHE A 153 -0.23 14.11 6.81
C PHE A 153 0.14 14.29 5.35
N PRO A 154 0.38 15.53 4.91
CA PRO A 154 0.78 15.74 3.50
C PRO A 154 2.22 15.34 3.23
N SER A 155 3.08 15.31 4.23
CA SER A 155 4.49 15.01 4.00
C SER A 155 5.12 14.52 5.29
N LYS A 156 6.28 13.87 5.14
CA LYS A 156 7.06 13.43 6.30
C LYS A 156 7.61 14.62 7.07
N LYS A 157 7.88 15.73 6.39
CA LYS A 157 8.40 16.93 7.06
C LYS A 157 7.32 17.60 7.91
N VAL A 158 6.11 17.71 7.37
CA VAL A 158 5.02 18.37 8.09
C VAL A 158 4.75 17.66 9.41
N GLN A 159 4.79 16.33 9.40
CA GLN A 159 4.54 15.58 10.63
C GLN A 159 5.62 15.83 11.67
N GLN A 160 6.88 15.66 11.28
CA GLN A 160 7.99 15.82 12.22
C GLN A 160 7.94 17.20 12.87
N GLN A 161 7.64 18.24 12.10
CA GLN A 161 7.46 19.56 12.67
C GLN A 161 6.31 19.57 13.66
N LEU A 162 5.19 18.96 13.28
CA LEU A 162 4.03 18.93 14.15
C LEU A 162 4.28 18.09 15.40
N TRP A 163 5.03 16.99 15.26
CA TRP A 163 5.34 16.15 16.40
C TRP A 163 6.28 16.86 17.37
N LEU A 164 7.31 17.53 16.85
CA LEU A 164 8.20 18.30 17.71
C LEU A 164 7.49 19.52 18.27
N GLN A 165 6.60 20.14 17.49
CA GLN A 165 5.81 21.26 17.99
C GLN A 165 4.85 20.80 19.10
N TYR A 166 4.30 19.60 18.95
CA TYR A 166 3.44 19.04 19.99
C TYR A 166 4.25 18.66 21.22
N GLN A 167 5.45 18.11 21.02
CA GLN A 167 6.26 17.66 22.15
C GLN A 167 6.81 18.84 22.95
N LYS A 168 6.96 20.00 22.31
CA LYS A 168 7.43 21.19 23.03
C LYS A 168 6.31 21.76 23.91
N GLU A 169 5.13 21.95 23.32
CA GLU A 169 4.03 22.60 24.01
C GLU A 169 3.30 21.69 24.99
N THR A 170 3.57 20.39 24.98
CA THR A 170 2.97 19.50 25.97
C THR A 170 3.88 19.29 27.18
N THR A 171 5.19 19.43 27.01
CA THR A 171 6.14 19.29 28.12
C THR A 171 7.15 20.43 28.09
N SER A 181 -0.03 15.29 29.01
CA SER A 181 -1.36 15.74 29.40
C SER A 181 -2.38 15.48 28.30
N MET A 182 -1.96 15.69 27.05
CA MET A 182 -2.84 15.67 25.90
C MET A 182 -2.34 14.67 24.86
N PRO A 183 -3.20 13.79 24.35
CA PRO A 183 -2.78 12.91 23.26
C PRO A 183 -2.43 13.71 22.01
N PHE A 184 -1.64 13.08 21.14
CA PHE A 184 -1.16 13.76 19.94
C PHE A 184 -2.31 14.07 18.99
N ILE A 185 -3.31 13.18 18.92
CA ILE A 185 -4.38 13.36 17.94
C ILE A 185 -5.33 14.46 18.38
N THR A 186 -5.55 14.62 19.69
CA THR A 186 -6.42 15.68 20.16
C THR A 186 -5.76 17.04 20.07
N TYR A 187 -4.42 17.09 20.18
CA TYR A 187 -3.70 18.32 19.92
C TYR A 187 -3.82 18.73 18.47
N LEU A 188 -3.76 17.76 17.55
CA LEU A 188 -3.95 18.07 16.14
C LEU A 188 -5.39 18.47 15.86
N SER A 189 -6.34 17.71 16.41
CA SER A 189 -7.75 18.06 16.23
C SER A 189 -8.06 19.42 16.84
N GLY A 190 -7.41 19.78 17.93
CA GLY A 190 -7.61 21.10 18.50
C GLY A 190 -7.18 22.21 17.56
N LEU A 191 -6.04 22.03 16.89
CA LEU A 191 -5.56 23.01 15.94
C LEU A 191 -6.27 22.90 14.59
N LEU A 192 -6.87 21.75 14.30
CA LEU A 192 -7.66 21.63 13.08
C LEU A 192 -8.99 22.37 13.21
N THR A 193 -9.68 22.21 14.34
CA THR A 193 -10.97 22.86 14.52
C THR A 193 -10.82 24.37 14.70
N ALA A 194 -9.77 24.80 15.40
CA ALA A 194 -9.55 26.22 15.63
C ALA A 194 -9.08 26.95 14.37
N GLN A 195 -8.70 26.22 13.32
CA GLN A 195 -8.21 26.85 12.10
C GLN A 195 -9.29 27.62 11.37
N MET A 196 -10.56 27.46 11.76
CA MET A 196 -11.60 28.33 11.22
C MET A 196 -11.37 29.79 11.60
N LEU A 197 -10.52 30.04 12.60
CA LEU A 197 -10.15 31.40 12.96
C LEU A 197 -9.09 31.96 12.03
N SER A 198 -8.14 31.13 11.61
CA SER A 198 -7.00 31.54 10.81
C SER A 198 -7.11 30.92 9.40
N ASP A 199 -5.97 30.70 8.74
CA ASP A 199 -5.97 30.08 7.42
C ASP A 199 -4.76 29.17 7.25
N ASP A 200 -3.89 29.50 6.30
CA ASP A 200 -2.77 28.62 5.96
C ASP A 200 -1.71 28.62 7.06
N GLN A 201 -1.20 27.41 7.36
CA GLN A 201 -0.16 27.20 8.37
C GLN A 201 0.45 25.83 8.13
N LEU A 202 1.32 25.40 9.04
CA LEU A 202 1.95 24.08 9.00
C LEU A 202 0.93 22.95 9.01
N ILE A 203 -0.29 23.22 9.48
CA ILE A 203 -1.36 22.23 9.60
C ILE A 203 -2.31 22.25 8.39
N SER A 204 -1.98 23.01 7.34
CA SER A 204 -2.83 23.12 6.14
C SER A 204 -3.54 21.83 5.71
N GLY A 205 -2.77 20.81 5.33
CA GLY A 205 -3.31 19.62 4.70
C GLY A 205 -3.54 18.41 5.58
N VAL A 206 -3.52 18.56 6.90
CA VAL A 206 -3.71 17.43 7.80
C VAL A 206 -5.19 17.06 7.85
N GLU A 207 -5.47 15.76 7.81
CA GLU A 207 -6.84 15.25 7.90
C GLU A 207 -6.87 14.03 8.81
N ILE A 208 -7.95 13.91 9.58
CA ILE A 208 -8.16 12.80 10.51
C ILE A 208 -9.42 12.06 10.10
N ARG A 209 -9.33 10.72 10.04
CA ARG A 209 -10.45 9.88 9.66
C ARG A 209 -10.55 8.73 10.67
N CYS A 210 -11.70 8.65 11.34
CA CYS A 210 -11.91 7.66 12.39
C CYS A 210 -13.00 6.67 11.99
N GLU A 211 -12.90 5.46 12.54
CA GLU A 211 -13.91 4.43 12.38
C GLU A 211 -14.02 3.67 13.69
N GLU A 212 -15.26 3.50 14.17
CA GLU A 212 -15.52 2.97 15.50
C GLU A 212 -16.23 1.63 15.41
N LYS A 213 -15.70 0.64 16.13
CA LYS A 213 -16.35 -0.66 16.32
C LYS A 213 -16.83 -0.69 17.77
N GLY A 214 -18.13 -0.50 17.97
CA GLY A 214 -18.65 -0.40 19.32
C GLY A 214 -18.44 0.99 19.90
N ARG A 215 -19.51 1.61 20.36
CA ARG A 215 -19.44 3.00 20.78
C ARG A 215 -18.60 3.16 22.05
N CYS A 216 -18.02 4.36 22.20
CA CYS A 216 -17.09 4.66 23.27
C CYS A 216 -17.85 4.80 24.59
N PRO A 217 -17.41 4.11 25.65
CA PRO A 217 -18.10 4.24 26.94
C PRO A 217 -17.87 5.61 27.56
N SER A 218 -18.80 5.97 28.46
CA SER A 218 -18.75 7.29 29.08
C SER A 218 -17.55 7.44 30.01
N THR A 219 -17.08 6.34 30.61
CA THR A 219 -15.98 6.43 31.56
C THR A 219 -14.66 6.77 30.88
N CYS A 220 -14.39 6.15 29.73
CA CYS A 220 -13.12 6.33 29.05
C CYS A 220 -13.07 7.70 28.37
N HIS A 221 -11.97 8.42 28.59
CA HIS A 221 -11.81 9.76 28.04
C HIS A 221 -10.89 9.80 26.82
N LEU A 222 -10.28 8.68 26.43
CA LEU A 222 -9.39 8.68 25.28
C LEU A 222 -10.15 8.51 23.98
N CYS A 223 -11.26 7.78 24.00
CA CYS A 223 -12.09 7.60 22.81
C CYS A 223 -13.26 8.56 22.78
N ARG A 224 -13.33 9.50 23.72
CA ARG A 224 -14.49 10.39 23.78
C ARG A 224 -14.54 11.26 22.53
N ARG A 225 -15.67 11.20 21.86
CA ARG A 225 -15.96 12.05 20.74
C ARG A 225 -17.18 12.87 21.12
N PRO A 226 -17.13 14.21 20.96
CA PRO A 226 -18.20 15.11 21.44
C PRO A 226 -19.60 14.54 21.62
N GLY A 227 -20.23 14.03 20.57
CA GLY A 227 -21.63 13.64 20.68
C GLY A 227 -21.89 12.15 20.84
N LYS A 228 -20.93 11.31 20.46
CA LYS A 228 -21.17 9.88 20.37
C LYS A 228 -20.92 9.14 21.67
N GLU A 229 -20.67 9.85 22.77
CA GLU A 229 -20.48 9.21 24.07
C GLU A 229 -21.73 8.42 24.46
N GLN A 230 -21.53 7.38 25.28
CA GLN A 230 -22.64 6.52 25.68
C GLN A 230 -22.33 5.83 26.99
N LEU A 231 -23.37 5.65 27.81
CA LEU A 231 -23.24 4.95 29.08
C LEU A 231 -23.37 3.44 28.86
N SER A 232 -22.33 2.69 29.26
CA SER A 232 -22.30 1.23 29.23
C SER A 232 -22.75 0.68 27.88
N PRO A 233 -21.90 0.76 26.86
CA PRO A 233 -22.28 0.24 25.54
C PRO A 233 -22.09 -1.27 25.46
N THR A 234 -22.86 -1.88 24.57
CA THR A 234 -22.77 -3.32 24.39
C THR A 234 -21.49 -3.66 23.60
N PRO A 235 -20.72 -4.66 24.03
CA PRO A 235 -19.44 -4.93 23.37
C PRO A 235 -19.64 -5.55 22.00
N VAL A 236 -18.76 -5.17 21.07
CA VAL A 236 -18.78 -5.66 19.70
C VAL A 236 -17.56 -6.54 19.46
N LEU A 237 -17.74 -7.57 18.62
CA LEU A 237 -16.65 -8.45 18.25
C LEU A 237 -15.51 -7.66 17.61
N LEU A 238 -14.31 -7.79 18.17
CA LEU A 238 -13.12 -7.13 17.66
C LEU A 238 -12.18 -8.10 16.96
N GLU A 239 -11.62 -9.05 17.70
CA GLU A 239 -10.72 -10.05 17.16
C GLU A 239 -11.30 -11.45 17.31
N ILE A 240 -10.97 -12.31 16.37
CA ILE A 240 -11.22 -13.74 16.49
C ILE A 240 -9.87 -14.39 16.77
N ASN A 241 -9.66 -14.82 18.01
CA ASN A 241 -8.35 -15.28 18.43
C ASN A 241 -8.09 -16.72 18.01
N ARG A 242 -9.10 -17.59 18.10
CA ARG A 242 -8.93 -19.00 17.78
C ARG A 242 -10.14 -19.52 17.04
N VAL A 243 -9.90 -20.34 16.01
CA VAL A 243 -10.94 -21.03 15.28
C VAL A 243 -10.64 -22.52 15.29
N VAL A 244 -11.70 -23.33 15.19
CA VAL A 244 -11.57 -24.78 15.18
C VAL A 244 -12.43 -25.33 14.04
N PRO A 245 -11.89 -26.21 13.20
CA PRO A 245 -12.67 -26.68 12.04
C PRO A 245 -13.89 -27.47 12.45
N LEU A 246 -14.93 -27.39 11.62
CA LEU A 246 -16.19 -28.06 11.92
C LEU A 246 -16.11 -29.58 11.76
N TYR A 247 -15.06 -30.11 11.14
CA TYR A 247 -14.94 -31.56 11.09
C TYR A 247 -14.51 -32.16 12.42
N THR A 248 -14.19 -31.32 13.41
CA THR A 248 -13.99 -31.81 14.77
C THR A 248 -15.29 -32.34 15.35
N LEU A 249 -16.42 -31.79 14.93
CA LEU A 249 -17.73 -32.09 15.50
C LEU A 249 -18.42 -33.29 14.84
N ILE A 250 -17.76 -33.97 13.91
CA ILE A 250 -18.45 -35.01 13.14
C ILE A 250 -18.60 -36.28 13.97
N GLN A 251 -17.60 -36.59 14.80
CA GLN A 251 -17.57 -37.73 15.73
C GLN A 251 -17.33 -39.07 15.05
N ASP A 252 -16.95 -39.11 13.78
CA ASP A 252 -16.67 -40.37 13.11
C ASP A 252 -15.53 -40.16 12.12
N ASN A 253 -14.78 -41.23 11.86
CA ASN A 253 -13.62 -41.12 10.99
C ASN A 253 -13.98 -41.17 9.51
N GLY A 254 -15.09 -41.82 9.15
CA GLY A 254 -15.42 -41.97 7.75
C GLY A 254 -15.90 -40.68 7.10
N THR A 255 -16.76 -39.93 7.80
CA THR A 255 -17.31 -38.72 7.22
C THR A 255 -16.37 -37.53 7.40
N LYS A 256 -15.71 -37.42 8.55
CA LYS A 256 -14.88 -36.25 8.80
C LYS A 256 -13.61 -36.23 7.95
N GLU A 257 -13.26 -37.34 7.30
CA GLU A 257 -12.20 -37.28 6.30
C GLU A 257 -12.76 -36.86 4.95
N ALA A 258 -13.98 -37.28 4.63
CA ALA A 258 -14.63 -36.88 3.38
C ALA A 258 -15.10 -35.43 3.43
N PHE A 259 -15.51 -34.95 4.61
CA PHE A 259 -15.85 -33.53 4.75
C PHE A 259 -14.62 -32.65 4.60
N LYS A 260 -13.50 -33.09 5.16
CA LYS A 260 -12.27 -32.29 5.13
C LYS A 260 -11.80 -32.04 3.70
N SER A 261 -11.91 -33.05 2.84
CA SER A 261 -11.50 -32.88 1.45
C SER A 261 -12.43 -31.94 0.69
N ALA A 262 -13.72 -31.92 1.06
CA ALA A 262 -14.64 -30.98 0.44
C ALA A 262 -14.39 -29.55 0.92
N LEU A 263 -13.92 -29.40 2.16
CA LEU A 263 -13.57 -28.07 2.65
C LEU A 263 -12.37 -27.51 1.90
N MET A 264 -11.33 -28.33 1.72
CA MET A 264 -10.15 -27.88 0.98
C MET A 264 -10.50 -27.54 -0.47
N SER A 265 -11.51 -28.21 -1.03
CA SER A 265 -11.93 -27.89 -2.40
C SER A 265 -12.55 -26.51 -2.47
N SER A 266 -13.39 -26.16 -1.50
CA SER A 266 -14.05 -24.85 -1.52
C SER A 266 -13.08 -23.73 -1.23
N TYR A 267 -12.04 -23.98 -0.42
CA TYR A 267 -11.11 -22.93 -0.05
C TYR A 267 -10.02 -22.73 -1.08
N TRP A 268 -9.32 -23.80 -1.46
CA TRP A 268 -8.14 -23.69 -2.31
C TRP A 268 -8.46 -23.80 -3.80
N CYS A 269 -9.41 -24.64 -4.18
CA CYS A 269 -9.67 -24.92 -5.58
C CYS A 269 -11.01 -24.37 -6.06
N SER A 270 -11.49 -23.30 -5.43
CA SER A 270 -12.72 -22.59 -5.81
C SER A 270 -13.94 -23.52 -5.89
N GLY A 271 -13.89 -24.65 -5.18
CA GLY A 271 -14.99 -25.60 -5.20
C GLY A 271 -15.14 -26.38 -6.47
N LYS A 272 -14.27 -26.17 -7.47
CA LYS A 272 -14.35 -26.87 -8.74
C LYS A 272 -13.11 -27.76 -8.94
N GLY A 273 -12.70 -28.48 -7.90
CA GLY A 273 -11.56 -29.35 -8.01
C GLY A 273 -11.09 -29.93 -6.70
N ASP A 274 -10.45 -31.09 -6.75
CA ASP A 274 -9.92 -31.75 -5.57
C ASP A 274 -8.45 -31.42 -5.40
N VAL A 275 -8.00 -31.45 -4.14
CA VAL A 275 -6.65 -31.02 -3.79
C VAL A 275 -5.80 -32.26 -3.52
N ILE A 276 -4.88 -32.55 -4.44
CA ILE A 276 -3.77 -33.42 -4.14
C ILE A 276 -2.75 -32.61 -3.35
N ASP A 277 -1.92 -33.28 -2.56
CA ASP A 277 -0.90 -32.57 -1.80
C ASP A 277 -0.10 -31.65 -2.73
N ASP A 278 -0.14 -30.36 -2.43
CA ASP A 278 0.61 -29.25 -3.03
C ASP A 278 -0.04 -28.66 -4.29
N TRP A 279 -1.19 -29.15 -4.75
CA TRP A 279 -1.79 -28.59 -5.96
C TRP A 279 -3.24 -29.04 -6.08
N CYS A 280 -3.97 -28.35 -6.97
CA CYS A 280 -5.38 -28.64 -7.22
C CYS A 280 -5.53 -29.41 -8.52
N ARG A 281 -6.27 -30.52 -8.46
CA ARG A 281 -6.63 -31.32 -9.64
C ARG A 281 -7.99 -30.83 -10.12
N CYS A 282 -7.97 -29.85 -11.03
CA CYS A 282 -9.21 -29.23 -11.49
C CYS A 282 -10.00 -30.22 -12.34
N ASP A 283 -11.25 -30.46 -11.96
CA ASP A 283 -12.14 -31.28 -12.77
C ASP A 283 -12.68 -30.47 -13.94
N LEU A 284 -12.78 -31.12 -15.10
CA LEU A 284 -13.33 -30.45 -16.27
C LEU A 284 -14.83 -30.21 -16.11
N SER A 285 -15.30 -29.09 -16.64
CA SER A 285 -14.46 -28.15 -17.37
C SER A 285 -14.23 -26.86 -16.58
N ALA A 286 -13.39 -26.95 -15.57
CA ALA A 286 -12.90 -25.74 -14.93
C ALA A 286 -11.98 -24.96 -15.85
N PHE A 287 -11.30 -25.66 -16.76
CA PHE A 287 -10.31 -25.07 -17.65
C PHE A 287 -10.86 -23.82 -18.35
N ASP A 288 -9.97 -22.86 -18.60
CA ASP A 288 -10.40 -21.56 -19.13
C ASP A 288 -10.59 -21.59 -20.64
N ALA A 289 -10.51 -20.42 -21.26
CA ALA A 289 -10.74 -20.32 -22.70
C ALA A 289 -9.63 -20.96 -23.51
N ASN A 290 -8.41 -20.98 -22.98
CA ASN A 290 -7.28 -21.60 -23.65
C ASN A 290 -7.04 -23.04 -23.19
N GLY A 291 -7.92 -23.58 -22.37
CA GLY A 291 -7.77 -24.95 -21.91
C GLY A 291 -6.72 -25.16 -20.84
N LEU A 292 -6.58 -24.20 -19.92
CA LEU A 292 -5.62 -24.28 -18.85
C LEU A 292 -6.33 -24.37 -17.51
N PRO A 293 -5.80 -25.13 -16.55
CA PRO A 293 -6.50 -25.32 -15.26
C PRO A 293 -6.83 -23.99 -14.59
N ASN A 294 -8.09 -23.86 -14.18
CA ASN A 294 -8.61 -22.58 -13.74
C ASN A 294 -9.28 -22.64 -12.37
N CYS A 295 -9.20 -23.78 -11.68
CA CYS A 295 -9.92 -23.91 -10.42
C CYS A 295 -9.22 -23.16 -9.29
N SER A 296 -7.89 -23.21 -9.23
CA SER A 296 -7.18 -22.40 -8.26
C SER A 296 -6.98 -20.99 -8.81
N PRO A 297 -7.29 -19.94 -8.04
CA PRO A 297 -7.23 -18.58 -8.59
C PRO A 297 -5.80 -18.05 -8.65
N LEU A 298 -5.51 -17.37 -9.75
CA LEU A 298 -4.24 -16.67 -9.94
C LEU A 298 -4.51 -15.18 -9.73
N LEU A 299 -4.10 -14.67 -8.57
CA LEU A 299 -4.49 -13.34 -8.15
C LEU A 299 -3.69 -12.26 -8.88
N GLN A 300 -4.23 -11.05 -8.86
CA GLN A 300 -3.58 -9.89 -9.45
C GLN A 300 -2.45 -9.41 -8.53
N PRO A 301 -1.21 -9.31 -9.01
CA PRO A 301 -0.12 -8.77 -8.19
C PRO A 301 -0.17 -7.25 -8.20
N VAL A 302 -0.30 -6.66 -7.01
CA VAL A 302 -0.44 -5.21 -6.87
C VAL A 302 0.95 -4.58 -6.91
N LEU A 303 1.25 -3.88 -8.00
CA LEU A 303 2.52 -3.20 -8.14
C LEU A 303 2.54 -1.93 -7.30
N ARG A 304 3.60 -1.76 -6.51
CA ARG A 304 3.70 -0.65 -5.58
C ARG A 304 5.02 0.09 -5.77
N LEU A 305 5.01 1.38 -5.45
CA LEU A 305 6.26 2.09 -5.23
C LEU A 305 6.87 1.65 -3.91
N SER A 306 8.20 1.65 -3.87
CA SER A 306 8.88 1.27 -2.64
C SER A 306 8.59 2.29 -1.54
N PRO A 307 8.08 1.87 -0.38
CA PRO A 307 7.81 2.84 0.68
C PRO A 307 9.05 3.51 1.23
N THR A 308 10.21 2.87 1.13
CA THR A 308 11.43 3.37 1.72
C THR A 308 12.26 4.23 0.77
N VAL A 309 11.97 4.20 -0.53
CA VAL A 309 12.79 4.86 -1.53
C VAL A 309 11.88 5.73 -2.40
N GLU A 310 11.82 7.01 -2.10
CA GLU A 310 11.09 7.95 -2.94
C GLU A 310 11.78 8.06 -4.30
N PRO A 311 11.05 7.98 -5.40
CA PRO A 311 11.69 8.06 -6.71
C PRO A 311 12.31 9.44 -6.95
N SER A 312 13.55 9.43 -7.42
CA SER A 312 14.24 10.62 -7.87
C SER A 312 14.27 10.61 -9.39
N SER A 313 14.54 11.77 -9.98
CA SER A 313 14.69 11.84 -11.42
C SER A 313 15.75 10.84 -11.87
N THR A 314 15.42 10.10 -12.93
CA THR A 314 16.21 9.02 -13.54
C THR A 314 16.17 7.71 -12.74
N VAL A 315 15.40 7.63 -11.64
CA VAL A 315 15.40 6.45 -10.77
C VAL A 315 13.99 6.17 -10.27
N VAL A 316 13.63 4.89 -10.28
CA VAL A 316 12.39 4.40 -9.67
C VAL A 316 12.66 2.97 -9.18
N SER A 317 12.13 2.63 -8.01
CA SER A 317 12.18 1.27 -7.49
C SER A 317 10.79 0.83 -7.07
N LEU A 318 10.40 -0.37 -7.49
CA LEU A 318 9.04 -0.88 -7.34
C LEU A 318 9.03 -2.16 -6.53
N GLU A 319 7.86 -2.49 -5.97
CA GLU A 319 7.66 -3.67 -5.15
C GLU A 319 6.38 -4.38 -5.55
N TRP A 320 6.27 -5.65 -5.14
CA TRP A 320 4.99 -6.36 -5.13
C TRP A 320 5.15 -7.64 -4.32
N VAL A 321 4.04 -8.08 -3.72
CA VAL A 321 4.02 -9.26 -2.87
C VAL A 321 3.57 -10.46 -3.71
N ASP A 322 4.20 -11.61 -3.49
CA ASP A 322 3.91 -12.80 -4.29
C ASP A 322 2.45 -13.20 -4.16
N VAL A 323 1.84 -13.54 -5.30
CA VAL A 323 0.44 -13.95 -5.35
C VAL A 323 0.28 -15.46 -5.25
N GLN A 324 1.36 -16.20 -5.02
CA GLN A 324 1.27 -17.66 -5.01
C GLN A 324 0.59 -18.15 -3.73
N PRO A 325 -0.48 -18.95 -3.83
CA PRO A 325 -1.08 -19.52 -2.62
C PRO A 325 -0.19 -20.59 -2.01
N ALA A 326 -0.50 -20.94 -0.76
CA ALA A 326 0.19 -22.06 -0.12
C ALA A 326 -0.16 -23.38 -0.80
N ILE A 327 -1.38 -23.48 -1.34
CA ILE A 327 -1.87 -24.68 -1.99
C ILE A 327 -2.59 -24.27 -3.28
N GLY A 328 -2.23 -24.90 -4.39
CA GLY A 328 -2.88 -24.64 -5.65
C GLY A 328 -1.96 -24.12 -6.73
N THR A 329 -2.24 -22.92 -7.23
CA THR A 329 -1.45 -22.34 -8.30
C THR A 329 -0.02 -22.08 -7.85
N LYS A 330 0.92 -22.25 -8.78
CA LYS A 330 2.30 -21.83 -8.60
C LYS A 330 2.67 -20.82 -9.67
N VAL A 331 3.32 -19.75 -9.27
CA VAL A 331 3.74 -18.68 -10.18
C VAL A 331 5.08 -19.08 -10.79
N SER A 332 5.15 -19.05 -12.12
CA SER A 332 6.39 -19.37 -12.82
C SER A 332 7.18 -18.13 -13.22
N ASP A 333 6.53 -16.97 -13.35
CA ASP A 333 7.22 -15.79 -13.83
C ASP A 333 6.35 -14.56 -13.59
N TYR A 334 7.00 -13.41 -13.47
CA TYR A 334 6.34 -12.12 -13.40
C TYR A 334 6.79 -11.29 -14.59
N ILE A 335 5.85 -10.82 -15.38
CA ILE A 335 6.14 -10.00 -16.55
C ILE A 335 5.94 -8.54 -16.18
N LEU A 336 6.94 -7.70 -16.49
CA LEU A 336 6.91 -6.29 -16.11
C LEU A 336 7.27 -5.45 -17.33
N GLN A 337 6.29 -4.72 -17.84
CA GLN A 337 6.50 -3.81 -18.96
C GLN A 337 6.58 -2.37 -18.45
N HIS A 338 7.29 -1.52 -19.20
CA HIS A 338 7.43 -0.13 -18.81
C HIS A 338 7.65 0.73 -20.04
N LYS A 339 7.01 1.90 -20.06
CA LYS A 339 7.16 2.83 -21.17
C LYS A 339 7.05 4.24 -20.64
N LYS A 340 7.64 5.18 -21.39
CA LYS A 340 7.55 6.60 -21.09
C LYS A 340 6.47 7.20 -22.00
N VAL A 341 5.46 7.83 -21.41
CA VAL A 341 4.35 8.36 -22.16
C VAL A 341 4.57 9.84 -22.41
N ASP A 342 3.78 10.41 -23.33
CA ASP A 342 3.79 11.84 -23.61
C ASP A 342 2.61 12.22 -24.53
N THR A 347 0.04 8.87 -27.44
CA THR A 347 0.49 7.52 -27.15
C THR A 347 -0.69 6.66 -26.71
N ASP A 348 -0.54 6.04 -25.54
CA ASP A 348 -1.54 5.17 -24.91
C ASP A 348 -1.78 3.91 -25.74
N LEU A 349 -2.20 2.83 -25.07
CA LEU A 349 -2.45 1.55 -25.74
C LEU A 349 -1.25 1.10 -26.56
N TYR A 350 -0.05 1.34 -26.03
CA TYR A 350 1.18 1.04 -26.73
C TYR A 350 2.06 0.14 -25.86
N THR A 351 2.66 -0.87 -26.47
CA THR A 351 3.51 -1.82 -25.76
C THR A 351 4.94 -1.32 -25.71
N GLY A 352 5.54 -1.41 -24.52
CA GLY A 352 6.91 -0.97 -24.33
C GLY A 352 7.87 -2.09 -23.99
N GLU A 353 9.00 -1.75 -23.38
CA GLU A 353 10.00 -2.73 -23.01
C GLU A 353 9.40 -3.85 -22.18
N PHE A 354 9.66 -5.09 -22.60
CA PHE A 354 9.14 -6.29 -21.95
C PHE A 354 10.26 -6.93 -21.14
N LEU A 355 10.00 -7.18 -19.86
CA LEU A 355 10.98 -7.80 -18.97
C LEU A 355 10.36 -9.00 -18.29
N SER A 356 10.90 -10.18 -18.57
CA SER A 356 10.60 -11.36 -17.77
C SER A 356 11.44 -11.33 -16.50
N PHE A 357 10.80 -11.51 -15.35
CA PHE A 357 11.55 -11.52 -14.10
C PHE A 357 12.52 -12.69 -14.04
N ALA A 358 12.07 -13.87 -14.48
CA ALA A 358 12.92 -15.06 -14.42
C ALA A 358 14.05 -14.98 -15.43
N ASP A 359 13.75 -14.55 -16.67
CA ASP A 359 14.72 -14.64 -17.76
C ASP A 359 15.56 -13.37 -17.90
N ASP A 360 14.93 -12.20 -17.85
CA ASP A 360 15.63 -10.96 -18.18
C ASP A 360 16.25 -10.28 -16.97
N LEU A 361 15.66 -10.44 -15.78
CA LEU A 361 16.13 -9.72 -14.60
C LEU A 361 17.08 -10.56 -13.74
N LEU A 362 16.83 -11.86 -13.60
CA LEU A 362 17.68 -12.71 -12.79
C LEU A 362 18.81 -13.35 -13.60
N SER A 363 18.62 -13.54 -14.91
CA SER A 363 19.55 -14.32 -15.70
C SER A 363 20.38 -13.51 -16.70
N GLY A 364 19.85 -12.41 -17.23
CA GLY A 364 20.57 -11.70 -18.27
C GLY A 364 20.82 -10.23 -17.99
N LEU A 365 22.09 -9.84 -17.96
CA LEU A 365 22.47 -8.44 -17.74
C LEU A 365 22.35 -7.67 -19.05
N GLY A 366 21.51 -6.64 -19.07
CA GLY A 366 20.70 -6.24 -17.93
C GLY A 366 21.16 -4.96 -17.24
N THR A 367 22.05 -5.11 -16.28
CA THR A 367 22.61 -4.01 -15.51
C THR A 367 23.44 -3.09 -16.42
N SER A 368 23.75 -1.86 -15.95
CA SER A 368 23.44 -1.35 -14.61
C SER A 368 22.24 -0.41 -14.59
N CYS A 369 21.24 -0.72 -15.39
CA CYS A 369 20.05 0.12 -15.47
C CYS A 369 18.84 -0.49 -14.78
N VAL A 370 18.72 -1.81 -14.77
CA VAL A 370 17.64 -2.50 -14.08
C VAL A 370 18.24 -3.61 -13.21
N ALA A 371 17.76 -3.69 -11.97
CA ALA A 371 18.15 -4.74 -11.04
C ALA A 371 16.92 -5.23 -10.30
N ALA A 372 16.90 -6.52 -9.97
CA ALA A 372 15.75 -7.15 -9.34
C ALA A 372 16.16 -7.75 -7.99
N GLY A 373 15.15 -8.19 -7.24
CA GLY A 373 15.39 -8.77 -5.93
C GLY A 373 14.18 -9.45 -5.34
N ARG A 374 14.41 -10.47 -4.53
CA ARG A 374 13.37 -11.20 -3.82
C ARG A 374 13.73 -11.28 -2.34
N SER A 375 12.73 -11.07 -1.48
CA SER A 375 13.00 -10.96 -0.06
C SER A 375 11.81 -11.50 0.74
N HIS A 376 12.08 -11.88 1.99
CA HIS A 376 11.05 -12.39 2.88
C HIS A 376 10.23 -11.22 3.43
N GLY A 377 8.91 -11.39 3.45
CA GLY A 377 8.01 -10.28 3.72
C GLY A 377 7.54 -10.12 5.15
N GLU A 378 6.25 -9.82 5.30
CA GLU A 378 5.69 -9.55 6.63
C GLU A 378 5.83 -10.77 7.54
N VAL A 379 5.16 -11.87 7.18
CA VAL A 379 5.32 -13.13 7.88
C VAL A 379 5.60 -14.22 6.85
N PRO A 380 6.80 -14.80 6.83
CA PRO A 380 7.07 -15.89 5.89
C PRO A 380 6.08 -17.03 6.03
N GLU A 381 5.77 -17.67 4.90
CA GLU A 381 6.47 -17.42 3.65
C GLU A 381 5.60 -16.77 2.57
N VAL A 382 5.63 -15.44 2.52
CA VAL A 382 5.20 -14.68 1.36
C VAL A 382 6.41 -13.84 0.91
N SER A 383 6.73 -13.92 -0.37
CA SER A 383 7.91 -13.25 -0.89
C SER A 383 7.56 -11.83 -1.32
N ILE A 384 8.57 -10.95 -1.25
CA ILE A 384 8.44 -9.56 -1.68
C ILE A 384 9.38 -9.37 -2.85
N TYR A 385 8.85 -9.41 -4.06
CA TYR A 385 9.63 -9.14 -5.25
C TYR A 385 9.80 -7.64 -5.44
N SER A 386 10.92 -7.26 -6.06
CA SER A 386 11.22 -5.85 -6.26
C SER A 386 12.12 -5.69 -7.48
N VAL A 387 12.04 -4.51 -8.08
CA VAL A 387 12.84 -4.17 -9.25
C VAL A 387 13.11 -2.66 -9.20
N ILE A 388 14.33 -2.27 -9.57
CA ILE A 388 14.75 -0.87 -9.51
C ILE A 388 15.22 -0.45 -10.90
N PHE A 389 14.76 0.72 -11.34
CA PHE A 389 15.20 1.35 -12.57
C PHE A 389 16.12 2.51 -12.22
N LYS A 390 17.31 2.52 -12.82
CA LYS A 390 18.33 3.49 -12.44
C LYS A 390 18.82 4.35 -13.59
N CYS A 391 18.27 4.19 -14.80
CA CYS A 391 18.68 4.98 -15.95
C CYS A 391 17.50 5.66 -16.62
N LEU A 392 16.48 6.04 -15.85
CA LEU A 392 15.31 6.69 -16.44
C LEU A 392 15.66 8.13 -16.82
N GLU A 393 14.65 8.87 -17.28
CA GLU A 393 14.90 10.24 -17.70
C GLU A 393 14.18 11.22 -16.78
N PRO A 394 14.82 12.34 -16.42
CA PRO A 394 14.19 13.27 -15.49
C PRO A 394 12.97 13.95 -16.08
N ASP A 395 12.03 14.31 -15.20
CA ASP A 395 10.80 15.02 -15.57
C ASP A 395 10.05 14.27 -16.66
N GLY A 396 9.91 12.97 -16.47
CA GLY A 396 9.21 12.13 -17.43
C GLY A 396 8.12 11.32 -16.75
N LEU A 397 6.99 11.19 -17.44
CA LEU A 397 5.88 10.39 -16.95
C LEU A 397 6.02 8.97 -17.48
N TYR A 398 6.11 7.99 -16.58
CA TYR A 398 6.34 6.61 -16.93
C TYR A 398 5.14 5.76 -16.51
N LYS A 399 4.93 4.67 -17.24
CA LYS A 399 3.86 3.72 -16.95
C LYS A 399 4.45 2.33 -16.82
N PHE A 400 4.32 1.73 -15.64
CA PHE A 400 4.78 0.38 -15.36
C PHE A 400 3.58 -0.54 -15.20
N THR A 401 3.63 -1.70 -15.85
CA THR A 401 2.57 -2.70 -15.74
C THR A 401 3.18 -4.04 -15.36
N LEU A 402 2.40 -4.83 -14.62
CA LEU A 402 2.87 -6.08 -14.05
C LEU A 402 1.78 -7.13 -14.12
N TYR A 403 2.16 -8.37 -14.44
CA TYR A 403 1.23 -9.49 -14.34
C TYR A 403 2.01 -10.77 -14.12
N ALA A 404 1.37 -11.72 -13.43
CA ALA A 404 1.97 -13.00 -13.09
C ALA A 404 1.62 -14.05 -14.14
N VAL A 405 2.48 -15.07 -14.23
CA VAL A 405 2.29 -16.19 -15.14
C VAL A 405 2.48 -17.46 -14.34
N ASP A 406 1.49 -18.35 -14.38
CA ASP A 406 1.51 -19.55 -13.56
C ASP A 406 2.27 -20.67 -14.25
N THR A 407 2.41 -21.80 -13.55
CA THR A 407 3.17 -22.93 -14.08
C THR A 407 2.59 -23.45 -15.38
N ARG A 408 1.26 -23.43 -15.53
CA ARG A 408 0.62 -23.95 -16.73
C ARG A 408 0.26 -22.87 -17.73
N GLY A 409 0.71 -21.63 -17.52
CA GLY A 409 0.71 -20.65 -18.59
C GLY A 409 -0.36 -19.59 -18.52
N ARG A 410 -1.22 -19.61 -17.51
CA ARG A 410 -2.22 -18.55 -17.38
C ARG A 410 -1.56 -17.22 -17.05
N HIS A 411 -2.16 -16.13 -17.55
CA HIS A 411 -1.80 -14.79 -17.15
C HIS A 411 -2.74 -14.32 -16.04
N SER A 412 -2.19 -13.53 -15.12
CA SER A 412 -3.03 -12.92 -14.10
C SER A 412 -3.68 -11.67 -14.66
N GLU A 413 -4.55 -11.06 -13.84
CA GLU A 413 -5.06 -9.74 -14.16
C GLU A 413 -3.92 -8.74 -14.06
N LEU A 414 -3.89 -7.80 -15.00
CA LEU A 414 -2.79 -6.85 -15.08
C LEU A 414 -2.92 -5.80 -13.98
N SER A 415 -1.77 -5.22 -13.61
CA SER A 415 -1.70 -4.16 -12.62
C SER A 415 -0.78 -3.06 -13.11
N THR A 416 -1.11 -1.82 -12.79
CA THR A 416 -0.47 -0.67 -13.42
C THR A 416 -0.02 0.34 -12.37
N VAL A 417 1.08 1.01 -12.66
CA VAL A 417 1.56 2.17 -11.91
C VAL A 417 2.03 3.23 -12.89
N THR A 418 1.50 4.44 -12.77
CA THR A 418 2.00 5.59 -13.51
C THR A 418 2.51 6.65 -12.53
N LEU A 419 3.68 7.19 -12.81
CA LEU A 419 4.32 8.17 -11.95
C LEU A 419 5.31 8.99 -12.78
N ARG A 420 5.80 10.06 -12.18
CA ARG A 420 6.76 10.94 -12.82
C ARG A 420 8.04 11.03 -12.01
N THR A 421 9.16 10.93 -12.72
CA THR A 421 10.45 11.17 -12.12
C THR A 421 10.58 12.64 -11.76
N ALA A 422 11.44 12.92 -10.78
CA ALA A 422 11.57 14.25 -10.23
C ALA A 422 12.12 15.22 -11.29
N CYS A 423 12.20 16.49 -10.92
CA CYS A 423 12.79 17.49 -11.79
C CYS A 423 14.31 17.30 -11.83
N PRO A 424 14.97 17.76 -12.89
CA PRO A 424 16.42 17.66 -12.95
C PRO A 424 17.06 18.55 -11.89
N LEU A 425 18.28 18.18 -11.51
CA LEU A 425 19.00 18.97 -10.51
C LEU A 425 19.41 20.31 -11.09
N VAL A 426 19.42 21.32 -10.22
CA VAL A 426 19.64 22.70 -10.62
C VAL A 426 20.61 23.34 -9.64
N ASP A 427 21.79 23.73 -10.12
CA ASP A 427 22.73 24.51 -9.32
C ASP A 427 22.19 25.93 -9.27
N ASP A 428 21.58 26.29 -8.13
CA ASP A 428 20.93 27.59 -8.03
C ASP A 428 21.94 28.73 -8.00
N ASN A 429 23.11 28.50 -7.42
CA ASN A 429 24.18 29.50 -7.47
C ASN A 429 24.61 29.77 -8.90
N LYS A 430 24.83 28.70 -9.67
CA LYS A 430 25.23 28.83 -11.06
C LYS A 430 24.18 29.57 -11.88
N ALA A 431 22.91 29.34 -11.58
CA ALA A 431 21.84 29.98 -12.33
C ALA A 431 21.81 31.49 -12.08
N GLU A 432 21.87 31.89 -10.82
CA GLU A 432 21.90 33.31 -10.49
C GLU A 432 23.19 33.96 -10.98
N GLU A 433 24.27 33.19 -11.08
CA GLU A 433 25.52 33.70 -11.62
C GLU A 433 25.41 33.95 -13.13
N ILE A 434 24.79 33.03 -13.85
CA ILE A 434 24.62 33.19 -15.29
C ILE A 434 23.71 34.38 -15.59
N ALA A 435 22.64 34.54 -14.81
CA ALA A 435 21.70 35.64 -15.03
C ALA A 435 22.39 36.99 -14.91
N ASP A 436 23.33 37.12 -13.98
CA ASP A 436 24.09 38.36 -13.86
C ASP A 436 25.06 38.52 -15.03
N LYS A 437 25.70 37.42 -15.45
CA LYS A 437 26.58 37.46 -16.60
C LYS A 437 25.83 37.89 -17.85
N ILE A 438 24.61 37.37 -18.04
CA ILE A 438 23.81 37.73 -19.20
C ILE A 438 23.41 39.20 -19.14
N TYR A 439 23.08 39.69 -17.94
CA TYR A 439 22.63 41.08 -17.81
C TYR A 439 23.75 42.05 -18.12
N ASN A 440 24.97 41.78 -17.64
CA ASN A 440 26.08 42.68 -17.88
C ASN A 440 26.54 42.64 -19.33
N LEU A 441 26.26 41.56 -20.05
CA LEU A 441 26.50 41.56 -21.49
C LEU A 441 25.43 42.39 -22.20
N TYR A 442 24.17 42.25 -21.79
CA TYR A 442 23.10 43.03 -22.40
C TYR A 442 23.28 44.51 -22.11
N ASN A 443 23.95 44.85 -21.00
CA ASN A 443 24.30 46.23 -20.72
C ASN A 443 25.56 46.66 -21.43
N GLY A 444 26.37 45.71 -21.91
CA GLY A 444 27.51 46.05 -22.73
C GLY A 444 27.14 46.29 -24.19
N TYR A 445 26.07 45.63 -24.65
CA TYR A 445 25.50 45.83 -25.98
C TYR A 445 26.44 45.46 -27.12
N THR A 446 27.43 46.32 -27.36
CA THR A 446 28.04 46.47 -28.69
C THR A 446 28.53 45.16 -29.28
N SER A 447 29.33 44.41 -28.53
CA SER A 447 30.14 43.35 -29.12
C SER A 447 29.28 42.22 -29.68
N GLY A 448 29.67 41.72 -30.85
CA GLY A 448 29.11 40.49 -31.37
C GLY A 448 29.67 39.24 -30.70
N LYS A 449 30.83 39.35 -30.06
CA LYS A 449 31.30 38.29 -29.18
C LYS A 449 30.37 38.16 -27.97
N GLU A 450 30.01 39.29 -27.37
CA GLU A 450 29.07 39.28 -26.26
C GLU A 450 27.74 38.64 -26.67
N GLN A 451 27.23 39.02 -27.84
CA GLN A 451 25.98 38.44 -28.32
C GLN A 451 26.09 36.93 -28.51
N GLN A 452 27.18 36.48 -29.13
CA GLN A 452 27.35 35.05 -29.37
C GLN A 452 27.60 34.31 -28.07
N MET A 453 28.45 34.85 -27.20
CA MET A 453 28.77 34.18 -25.96
C MET A 453 27.55 34.10 -25.04
N ALA A 454 26.72 35.15 -25.07
CA ALA A 454 25.49 35.13 -24.29
C ALA A 454 24.53 34.05 -24.81
N TYR A 455 24.40 33.95 -26.13
CA TYR A 455 23.55 32.91 -26.71
C TYR A 455 24.14 31.52 -26.48
N ASN A 456 25.47 31.40 -26.48
CA ASN A 456 26.09 30.09 -26.30
C ASN A 456 25.87 29.56 -24.88
N THR A 457 26.12 30.41 -23.88
CA THR A 457 25.98 29.96 -22.49
C THR A 457 24.53 29.61 -22.17
N LEU A 458 23.58 30.35 -22.75
CA LEU A 458 22.16 30.07 -22.47
C LEU A 458 21.71 28.76 -23.11
N MET A 459 22.27 28.42 -24.28
CA MET A 459 21.91 27.18 -24.96
C MET A 459 22.69 25.97 -24.46
N GLU A 460 23.91 26.18 -23.95
CA GLU A 460 24.74 25.06 -23.51
C GLU A 460 24.24 24.42 -22.23
N VAL A 461 23.38 25.10 -21.47
CA VAL A 461 22.90 24.60 -20.20
C VAL A 461 21.48 24.07 -20.37
N SER A 462 21.08 23.18 -19.47
CA SER A 462 19.83 22.43 -19.62
C SER A 462 18.62 23.36 -19.56
N ALA A 463 17.48 22.83 -20.00
CA ALA A 463 16.26 23.63 -20.09
C ALA A 463 15.80 24.06 -18.71
N SER A 464 15.96 23.20 -17.70
CA SER A 464 15.58 23.58 -16.34
C SER A 464 16.46 24.71 -15.82
N MET A 465 17.77 24.62 -16.08
CA MET A 465 18.68 25.70 -15.71
C MET A 465 18.33 26.99 -16.43
N LEU A 466 17.98 26.89 -17.71
CA LEU A 466 17.57 28.09 -18.46
C LEU A 466 16.31 28.69 -17.86
N PHE A 467 15.36 27.84 -17.44
CA PHE A 467 14.18 28.35 -16.76
C PHE A 467 14.54 29.00 -15.42
N ARG A 468 15.61 28.53 -14.79
CA ARG A 468 16.02 29.10 -13.51
C ARG A 468 16.77 30.41 -13.71
N VAL A 469 17.59 30.52 -14.75
CA VAL A 469 18.25 31.80 -15.01
C VAL A 469 17.24 32.84 -15.45
N GLN A 470 16.13 32.41 -16.07
CA GLN A 470 15.05 33.34 -16.36
C GLN A 470 14.38 33.81 -15.08
N HIS A 471 14.17 32.90 -14.13
CA HIS A 471 13.60 33.27 -12.84
C HIS A 471 14.47 34.29 -12.12
N HIS A 472 15.79 34.10 -12.16
CA HIS A 472 16.70 35.02 -11.49
C HIS A 472 16.81 36.34 -12.25
N TYR A 473 16.86 36.28 -13.59
CA TYR A 473 16.97 37.52 -14.36
C TYR A 473 15.76 38.42 -14.14
N ASN A 474 14.57 37.83 -14.08
CA ASN A 474 13.36 38.62 -13.87
C ASN A 474 13.21 39.06 -12.42
N SER A 475 13.80 38.33 -11.49
CA SER A 475 13.76 38.73 -10.08
C SER A 475 14.51 40.04 -9.86
N HIS A 476 15.55 40.29 -10.66
CA HIS A 476 16.43 41.45 -10.46
C HIS A 476 16.21 42.55 -11.49
N TYR A 477 16.19 42.21 -12.78
CA TYR A 477 16.30 43.20 -13.84
C TYR A 477 15.03 43.35 -14.66
N GLU A 478 13.87 43.05 -14.08
CA GLU A 478 12.64 43.11 -14.86
C GLU A 478 12.22 44.53 -15.21
N LYS A 479 12.66 45.52 -14.44
CA LYS A 479 12.28 46.91 -14.72
C LYS A 479 12.98 47.46 -15.96
N PHE A 480 14.13 46.90 -16.33
CA PHE A 480 14.87 47.35 -17.50
C PHE A 480 14.65 46.43 -18.70
N GLY A 481 13.72 45.49 -18.61
CA GLY A 481 13.48 44.58 -19.71
C GLY A 481 13.32 43.13 -19.29
N ASP A 482 12.17 42.55 -19.62
CA ASP A 482 11.93 41.13 -19.36
C ASP A 482 12.98 40.27 -20.06
N PHE A 483 13.28 39.11 -19.46
CA PHE A 483 14.34 38.24 -19.97
C PHE A 483 14.13 37.89 -21.44
N VAL A 484 12.91 37.48 -21.78
CA VAL A 484 12.58 37.17 -23.17
C VAL A 484 12.71 38.41 -24.03
N TRP A 485 12.01 39.47 -23.63
CA TRP A 485 11.95 40.67 -24.42
C TRP A 485 13.33 41.27 -24.60
N ARG A 486 14.16 41.21 -23.56
CA ARG A 486 15.49 41.79 -23.66
C ARG A 486 16.44 40.90 -24.47
N SER A 487 16.23 39.58 -24.42
CA SER A 487 17.02 38.68 -25.25
C SER A 487 16.72 38.91 -26.72
N GLU A 488 15.48 39.25 -27.05
CA GLU A 488 15.10 39.54 -28.41
C GLU A 488 15.69 40.86 -28.89
N ASP A 489 15.82 41.85 -28.00
CA ASP A 489 16.40 43.14 -28.37
C ASP A 489 17.89 43.01 -28.69
N GLU A 490 18.60 42.22 -27.88
CA GLU A 490 20.06 42.17 -27.96
C GLU A 490 20.60 41.05 -28.84
N LEU A 491 19.87 39.93 -28.98
CA LEU A 491 20.38 38.76 -29.68
C LEU A 491 19.70 38.52 -31.02
N GLY A 492 18.56 39.11 -31.24
CA GLY A 492 17.80 38.74 -32.41
C GLY A 492 16.80 37.70 -32.02
N PRO A 493 15.71 37.64 -32.77
CA PRO A 493 14.54 36.90 -32.28
C PRO A 493 14.43 35.49 -32.71
N ARG A 494 15.30 34.98 -33.56
CA ARG A 494 15.26 33.54 -33.69
C ARG A 494 16.05 32.89 -32.57
N LYS A 495 17.21 33.49 -32.24
CA LYS A 495 17.97 33.07 -31.07
C LYS A 495 17.09 33.19 -29.84
N ALA A 496 16.34 34.30 -29.74
CA ALA A 496 15.32 34.41 -28.74
C ALA A 496 14.35 33.23 -28.82
N HIS A 497 13.57 33.17 -29.89
CA HIS A 497 12.63 32.06 -30.07
C HIS A 497 13.27 30.69 -29.82
N LEU A 498 14.54 30.54 -30.15
CA LEU A 498 15.24 29.31 -29.81
C LEU A 498 15.39 29.14 -28.29
N ILE A 499 15.85 30.19 -27.60
CA ILE A 499 15.91 30.20 -26.14
C ILE A 499 14.54 29.88 -25.57
N LEU A 500 13.53 30.55 -26.12
CA LEU A 500 12.15 30.44 -25.64
C LEU A 500 11.58 29.03 -25.84
N ARG A 501 11.83 28.36 -26.99
CA ARG A 501 11.36 26.97 -27.14
C ARG A 501 11.95 26.05 -26.10
N ARG A 502 13.22 26.25 -25.74
CA ARG A 502 13.86 25.43 -24.71
C ARG A 502 13.11 25.50 -23.40
N LEU A 503 12.64 26.70 -23.05
CA LEU A 503 11.83 26.87 -21.84
C LEU A 503 10.54 26.07 -21.92
N GLU A 504 10.06 25.78 -23.12
CA GLU A 504 8.81 25.02 -23.27
C GLU A 504 9.01 23.55 -23.00
N ARG A 505 10.24 23.07 -23.02
CA ARG A 505 10.46 21.66 -22.78
C ARG A 505 10.44 21.31 -21.30
N VAL A 506 10.50 22.32 -20.43
CA VAL A 506 10.37 22.16 -18.99
C VAL A 506 8.89 22.06 -18.65
N SER A 507 8.48 20.92 -18.13
CA SER A 507 7.11 20.79 -17.67
C SER A 507 6.85 21.86 -16.62
N SER A 508 5.59 22.04 -16.26
CA SER A 508 5.32 23.09 -15.31
C SER A 508 5.03 22.62 -13.90
N HIS A 509 5.24 21.34 -13.58
CA HIS A 509 5.43 21.08 -12.16
C HIS A 509 6.84 21.43 -11.79
N CYS A 510 7.75 21.16 -12.72
CA CYS A 510 9.10 21.68 -12.58
C CYS A 510 9.08 23.19 -12.66
N SER A 511 8.38 23.73 -13.66
CA SER A 511 8.32 25.17 -13.83
C SER A 511 7.66 25.84 -12.62
N SER A 512 6.72 25.18 -11.99
CA SER A 512 6.18 25.68 -10.73
C SER A 512 7.22 25.59 -9.63
N LEU A 513 7.84 24.41 -9.48
CA LEU A 513 8.86 24.22 -8.45
C LEU A 513 10.08 25.10 -8.71
N LEU A 514 10.44 25.32 -9.98
CA LEU A 514 11.62 26.11 -10.32
C LEU A 514 11.39 27.62 -10.21
N ARG A 515 10.19 28.05 -9.84
CA ARG A 515 9.96 29.45 -9.49
C ARG A 515 10.09 29.70 -7.99
N SER A 516 10.56 28.71 -7.25
CA SER A 516 10.71 28.85 -5.81
C SER A 516 11.80 29.88 -5.48
N ALA A 517 11.89 30.23 -4.19
CA ALA A 517 12.92 31.16 -3.76
C ALA A 517 14.30 30.50 -3.81
N TYR A 518 14.41 29.28 -3.29
CA TYR A 518 15.70 28.61 -3.19
C TYR A 518 15.59 27.15 -3.57
N ILE A 519 16.59 26.67 -4.29
CA ILE A 519 16.72 25.27 -4.67
C ILE A 519 18.06 24.78 -4.18
N GLN A 520 18.05 23.84 -3.24
CA GLN A 520 19.25 23.26 -2.67
C GLN A 520 19.27 21.76 -2.94
N SER A 521 20.45 21.16 -2.83
CA SER A 521 20.65 19.77 -3.23
C SER A 521 21.12 18.94 -2.03
N ARG A 522 20.28 18.01 -1.61
CA ARG A 522 20.68 16.95 -0.68
C ARG A 522 20.89 15.67 -1.47
N VAL A 523 21.79 14.82 -0.99
CA VAL A 523 22.11 13.56 -1.64
C VAL A 523 21.80 12.43 -0.69
N GLU A 524 20.71 11.71 -0.98
CA GLU A 524 20.36 10.51 -0.23
C GLU A 524 21.12 9.32 -0.79
N THR A 525 21.46 8.38 0.08
CA THR A 525 22.11 7.13 -0.30
C THR A 525 21.36 5.99 0.35
N VAL A 526 20.78 5.11 -0.47
CA VAL A 526 19.85 4.09 0.02
C VAL A 526 20.22 2.73 -0.52
N PRO A 527 19.88 1.65 0.18
CA PRO A 527 20.22 0.30 -0.29
C PRO A 527 19.13 -0.29 -1.18
N TYR A 528 19.55 -1.25 -2.00
CA TYR A 528 18.61 -2.02 -2.81
C TYR A 528 19.15 -3.43 -2.97
N LEU A 529 18.23 -4.39 -3.02
CA LEU A 529 18.60 -5.80 -3.15
C LEU A 529 18.90 -6.14 -4.60
N PHE A 530 20.05 -6.74 -4.84
CA PHE A 530 20.49 -7.14 -6.18
C PHE A 530 20.66 -8.65 -6.20
N CYS A 531 19.73 -9.35 -6.83
CA CYS A 531 19.71 -10.81 -6.84
C CYS A 531 19.91 -11.33 -8.26
N ARG A 532 20.66 -12.43 -8.36
CA ARG A 532 20.89 -13.11 -9.62
C ARG A 532 20.58 -14.60 -9.45
N SER A 533 20.31 -15.27 -10.57
CA SER A 533 19.93 -16.67 -10.54
C SER A 533 21.18 -17.54 -10.62
N GLU A 534 21.37 -18.39 -9.61
CA GLU A 534 22.43 -19.39 -9.66
C GLU A 534 22.07 -20.51 -10.62
N GLU A 535 20.89 -21.08 -10.46
CA GLU A 535 20.49 -22.33 -11.10
C GLU A 535 19.45 -22.05 -12.16
N VAL A 536 19.76 -22.39 -13.41
CA VAL A 536 18.76 -22.32 -14.47
C VAL A 536 17.84 -23.53 -14.33
N ARG A 537 16.55 -23.28 -14.25
CA ARG A 537 15.60 -24.31 -13.82
C ARG A 537 15.05 -25.09 -15.02
N PRO A 538 14.71 -26.36 -14.82
CA PRO A 538 14.18 -27.16 -15.93
C PRO A 538 12.75 -26.76 -16.27
N ALA A 539 12.51 -26.49 -17.54
CA ALA A 539 11.18 -26.13 -18.04
C ALA A 539 10.81 -27.06 -19.18
N GLY A 540 9.54 -27.44 -19.23
CA GLY A 540 9.02 -28.25 -20.31
C GLY A 540 8.47 -27.41 -21.43
N MET A 541 7.63 -28.04 -22.25
CA MET A 541 6.93 -27.30 -23.29
C MET A 541 5.60 -26.75 -22.79
N VAL A 542 4.78 -27.58 -22.13
CA VAL A 542 3.48 -27.14 -21.66
C VAL A 542 3.50 -26.73 -20.19
N TRP A 543 4.56 -27.06 -19.46
CA TRP A 543 4.71 -26.70 -18.06
C TRP A 543 6.02 -25.96 -17.86
N TYR A 544 6.08 -25.17 -16.79
CA TYR A 544 7.28 -24.39 -16.49
C TYR A 544 7.67 -24.57 -15.03
N SER A 545 8.83 -24.01 -14.71
CA SER A 545 9.44 -24.10 -13.39
C SER A 545 8.88 -23.06 -12.44
N ILE A 546 8.78 -23.44 -11.16
CA ILE A 546 8.26 -22.55 -10.14
C ILE A 546 9.31 -21.48 -9.82
N LEU A 547 8.92 -20.21 -9.95
CA LEU A 547 9.86 -19.11 -9.75
C LEU A 547 10.34 -19.04 -8.30
N LYS A 548 9.49 -19.39 -7.35
CA LYS A 548 9.85 -19.28 -5.95
C LYS A 548 10.96 -20.24 -5.58
N ASP A 549 11.02 -21.39 -6.24
CA ASP A 549 12.04 -22.40 -5.93
C ASP A 549 13.40 -22.08 -6.55
N THR A 550 13.45 -21.16 -7.50
CA THR A 550 14.71 -20.80 -8.15
C THR A 550 15.72 -20.32 -7.12
N LYS A 551 16.86 -21.01 -7.05
CA LYS A 551 17.91 -20.61 -6.11
C LYS A 551 18.59 -19.35 -6.61
N ILE A 552 18.66 -18.34 -5.76
CA ILE A 552 19.20 -17.03 -6.13
C ILE A 552 20.22 -16.59 -5.09
N THR A 553 21.18 -15.77 -5.53
CA THR A 553 22.21 -15.21 -4.66
C THR A 553 21.99 -13.70 -4.59
N CYS A 554 21.63 -13.21 -3.40
CA CYS A 554 21.21 -11.83 -3.23
C CYS A 554 22.28 -11.03 -2.50
N GLU A 555 22.60 -9.86 -3.05
CA GLU A 555 23.63 -8.97 -2.54
C GLU A 555 23.04 -7.58 -2.37
N GLU A 556 23.42 -6.89 -1.30
CA GLU A 556 22.93 -5.53 -1.06
C GLU A 556 23.89 -4.52 -1.66
N LYS A 557 23.35 -3.57 -2.41
CA LYS A 557 24.11 -2.50 -3.03
C LYS A 557 23.52 -1.15 -2.60
N MET A 558 24.06 -0.07 -3.15
CA MET A 558 23.68 1.28 -2.75
C MET A 558 23.50 2.17 -3.98
N VAL A 559 22.43 2.95 -4.00
CA VAL A 559 22.23 4.01 -4.98
C VAL A 559 22.40 5.34 -4.27
N SER A 560 23.06 6.28 -4.93
CA SER A 560 23.05 7.67 -4.51
C SER A 560 21.96 8.40 -5.29
N MET A 561 21.09 9.11 -4.58
CA MET A 561 19.93 9.76 -5.19
C MET A 561 20.01 11.26 -4.90
N ALA A 562 20.40 12.03 -5.91
CA ALA A 562 20.48 13.47 -5.78
C ALA A 562 19.10 14.08 -5.99
N ARG A 563 18.67 14.91 -5.06
CA ARG A 563 17.36 15.55 -5.10
C ARG A 563 17.49 17.05 -4.93
N ASN A 564 16.56 17.77 -5.53
CA ASN A 564 16.41 19.20 -5.27
C ASN A 564 15.58 19.40 -4.00
N THR A 565 15.87 20.49 -3.30
CA THR A 565 15.16 20.86 -2.08
C THR A 565 14.62 22.27 -2.26
N TYR A 566 13.30 22.38 -2.40
CA TYR A 566 12.63 23.64 -2.70
C TYR A 566 12.07 24.26 -1.43
N GLY A 567 11.99 25.59 -1.42
CA GLY A 567 11.43 26.29 -0.29
C GLY A 567 11.55 27.79 -0.47
N GLU A 568 10.81 28.50 0.38
CA GLU A 568 10.84 29.96 0.43
C GLU A 568 11.88 30.49 1.40
N SER A 569 12.58 29.61 2.14
CA SER A 569 13.65 30.01 3.04
C SER A 569 14.49 28.78 3.36
N LYS A 570 15.76 29.03 3.71
CA LYS A 570 16.71 27.93 3.86
C LYS A 570 16.48 27.11 5.13
N GLY A 571 15.80 27.68 6.13
CA GLY A 571 15.48 26.91 7.31
C GLY A 571 14.52 25.79 6.98
N ARG A 572 15.05 24.71 6.41
CA ARG A 572 14.26 23.65 5.80
C ARG A 572 13.34 24.22 4.71
#